data_2XU0
#
_entry.id   2XU0
#
_cell.length_a   93.248
_cell.length_b   93.248
_cell.length_c   126.980
_cell.angle_alpha   90.00
_cell.angle_beta   90.00
_cell.angle_gamma   90.00
#
_symmetry.space_group_name_H-M   'P 41 21 2'
#
loop_
_entity.id
_entity.type
_entity.pdbx_description
1 polymer 'ERYTHROCYTE MEMBRANE PROTEIN 1'
2 non-polymer PROLINE
3 non-polymer 'MAGNESIUM ION'
4 non-polymer GLYCEROL
5 water water
#
_entity_poly.entity_id   1
_entity_poly.type   'polypeptide(L)'
_entity_poly.pdbx_seq_one_letter_code
;FGSSHSTNDAKSPTLSESHKSARNVLENIGIKIYNQEIKKKNPYEQQLKGTLSRAQFVDALSSRYIEGRNSDGNSCNLDH
LFHTNIKTGYNEGRKPCYGREQNRFDENAEAYCNSDKIRGNENNANGAACAPPRRRHICDQNLEFLDNKNTNTAHDLLGN
VLVTAKYEGNYIVNDHPDKNSNGNKAGICTSLARSFADIGDIVRGRDMFLPNKDDKVQKGLQVVFKKIYKSLTPEARKHY
AHGDGSGNYAKLREDWWTINREQIWKALTCSAPYYADYFRKGSDGTLHFSSHGKCGHNEGAPPTYLDYVPQFLRWFEEWS
EEFCRIKKIKIDKVKKECRDEQNKKYCSGDGHDCTQTNLAHNQIFVDLDCPRCQDQCIKYNEWIVKKLEEFYKQNLKYSM
EIQKWKKTKNNYYDKEFYENLDKKSYSTIDKFLNLLNNGKHCHDNKDEKNKIDFNKPIKTFSISEYCKTCPLYGVTCTNR
GICIHNS
;
_entity_poly.pdbx_strand_id   A
#
loop_
_chem_comp.id
_chem_comp.type
_chem_comp.name
_chem_comp.formula
GOL non-polymer GLYCEROL 'C3 H8 O3'
MG non-polymer 'MAGNESIUM ION' 'Mg 2'
#
# COMPACT_ATOMS: atom_id res chain seq x y z
N SER A 12 -21.40 6.51 1.64
CA SER A 12 -20.54 5.58 0.91
C SER A 12 -19.07 6.01 0.97
N PRO A 13 -18.16 5.23 1.61
CA PRO A 13 -16.74 5.65 1.65
C PRO A 13 -16.11 5.68 0.25
N THR A 14 -16.52 4.73 -0.62
CA THR A 14 -16.03 4.67 -2.00
C THR A 14 -16.31 5.96 -2.79
N LEU A 15 -17.57 6.40 -2.80
CA LEU A 15 -18.02 7.55 -3.56
C LEU A 15 -17.57 8.87 -2.98
N SER A 16 -17.42 8.92 -1.64
CA SER A 16 -17.04 10.15 -0.97
C SER A 16 -15.53 10.39 -0.89
N GLU A 17 -14.69 9.39 -1.27
CA GLU A 17 -13.24 9.55 -1.27
C GLU A 17 -12.86 10.79 -2.09
N SER A 18 -12.04 11.69 -1.50
CA SER A 18 -11.57 12.93 -2.15
C SER A 18 -10.91 12.73 -3.50
N HIS A 19 -11.25 13.60 -4.48
CA HIS A 19 -10.62 13.54 -5.81
C HIS A 19 -9.15 13.98 -5.63
N LYS A 20 -8.80 14.55 -4.46
CA LYS A 20 -7.44 14.97 -4.10
C LYS A 20 -6.77 14.01 -3.10
N SER A 21 -7.24 12.74 -3.02
CA SER A 21 -6.58 11.72 -2.19
C SER A 21 -5.30 11.38 -2.95
N ALA A 22 -4.24 10.92 -2.23
CA ALA A 22 -2.97 10.59 -2.89
C ALA A 22 -3.18 9.54 -3.93
N ARG A 23 -4.00 8.49 -3.66
CA ARG A 23 -4.31 7.46 -4.63
C ARG A 23 -4.86 8.05 -5.93
N ASN A 24 -5.85 8.92 -5.85
CA ASN A 24 -6.44 9.55 -7.02
C ASN A 24 -5.45 10.43 -7.77
N VAL A 25 -4.69 11.25 -7.04
CA VAL A 25 -3.70 12.14 -7.68
C VAL A 25 -2.59 11.31 -8.36
N LEU A 26 -2.11 10.24 -7.70
CA LEU A 26 -1.02 9.43 -8.28
C LEU A 26 -1.50 8.66 -9.49
N GLU A 27 -2.73 8.09 -9.42
CA GLU A 27 -3.38 7.36 -10.53
C GLU A 27 -3.51 8.29 -11.76
N ASN A 28 -3.83 9.54 -11.51
CA ASN A 28 -3.95 10.50 -12.59
C ASN A 28 -2.62 10.81 -13.26
N ILE A 29 -1.53 10.81 -12.50
CA ILE A 29 -0.21 11.00 -13.12
C ILE A 29 0.21 9.69 -13.80
N GLY A 30 -0.14 8.55 -13.19
CA GLY A 30 0.11 7.22 -13.73
C GLY A 30 -0.47 7.01 -15.12
N ILE A 31 -1.69 7.52 -15.36
CA ILE A 31 -2.38 7.47 -16.66
C ILE A 31 -1.52 8.17 -17.69
N LYS A 32 -1.02 9.38 -17.36
CA LYS A 32 -0.19 10.16 -18.29
C LYS A 32 1.09 9.40 -18.64
N ILE A 33 1.76 8.80 -17.61
CA ILE A 33 2.98 8.00 -17.83
C ILE A 33 2.70 6.80 -18.75
N TYR A 34 1.61 6.06 -18.48
CA TYR A 34 1.22 4.90 -19.26
C TYR A 34 0.96 5.33 -20.72
N ASN A 35 0.23 6.44 -20.91
CA ASN A 35 -0.08 7.02 -22.23
C ASN A 35 1.16 7.37 -23.03
N GLN A 36 2.18 7.99 -22.38
CA GLN A 36 3.44 8.33 -23.05
C GLN A 36 4.13 7.05 -23.52
N GLU A 37 4.13 6.02 -22.68
CA GLU A 37 4.78 4.75 -22.91
C GLU A 37 4.17 3.93 -24.04
N ILE A 38 2.88 4.06 -24.29
CA ILE A 38 2.19 3.32 -25.34
C ILE A 38 1.97 4.18 -26.60
N LYS A 39 2.43 5.45 -26.56
CA LYS A 39 2.25 6.39 -27.66
C LYS A 39 3.01 5.94 -28.90
N LYS A 40 4.29 5.61 -28.74
CA LYS A 40 5.17 5.16 -29.80
C LYS A 40 4.89 3.70 -30.17
N LYS A 41 4.78 3.43 -31.46
CA LYS A 41 4.54 2.07 -31.96
C LYS A 41 5.78 1.22 -31.82
N ASN A 42 5.57 0.01 -31.30
CA ASN A 42 6.62 -0.97 -31.15
C ASN A 42 6.31 -2.06 -32.19
N PRO A 43 7.14 -2.15 -33.26
CA PRO A 43 6.88 -3.16 -34.30
C PRO A 43 7.07 -4.60 -33.85
N TYR A 44 7.76 -4.78 -32.71
CA TYR A 44 8.15 -6.08 -32.18
C TYR A 44 7.32 -6.64 -31.04
N GLU A 45 6.21 -5.96 -30.69
CA GLU A 45 5.26 -6.28 -29.62
C GLU A 45 4.87 -7.74 -29.50
N GLN A 46 4.51 -8.36 -30.62
CA GLN A 46 4.04 -9.75 -30.70
C GLN A 46 5.07 -10.78 -30.27
N GLN A 47 6.37 -10.45 -30.30
CA GLN A 47 7.46 -11.35 -29.88
C GLN A 47 7.56 -11.42 -28.35
N LEU A 48 6.98 -10.42 -27.66
CA LEU A 48 6.96 -10.30 -26.20
C LEU A 48 5.59 -10.67 -25.67
N LYS A 49 4.58 -10.73 -26.56
CA LYS A 49 3.22 -11.10 -26.21
C LYS A 49 3.16 -12.56 -25.80
N GLY A 50 2.62 -12.80 -24.62
CA GLY A 50 2.49 -14.14 -24.06
C GLY A 50 1.15 -14.78 -24.38
N THR A 51 1.19 -16.01 -24.86
CA THR A 51 0.01 -16.79 -25.19
C THR A 51 0.07 -18.14 -24.46
N LEU A 52 -0.90 -18.37 -23.56
CA LEU A 52 -1.00 -19.59 -22.73
C LEU A 52 -1.47 -20.80 -23.56
N ASP A 72 -17.47 -13.84 -1.31
CA ASP A 72 -17.61 -13.82 -2.76
C ASP A 72 -16.25 -14.02 -3.47
N GLY A 73 -16.32 -14.61 -4.67
CA GLY A 73 -15.21 -14.95 -5.54
C GLY A 73 -15.65 -15.95 -6.59
N ASN A 74 -14.90 -16.06 -7.71
CA ASN A 74 -15.29 -16.98 -8.79
C ASN A 74 -14.16 -17.96 -9.22
N SER A 75 -14.35 -18.65 -10.38
CA SER A 75 -13.41 -19.66 -10.91
C SER A 75 -12.03 -19.11 -11.25
N CYS A 76 -11.00 -19.88 -10.84
CA CYS A 76 -9.59 -19.55 -11.03
C CYS A 76 -8.80 -20.53 -11.90
N ASN A 77 -9.50 -21.34 -12.72
CA ASN A 77 -8.84 -22.28 -13.62
C ASN A 77 -8.19 -21.51 -14.75
N LEU A 78 -6.84 -21.51 -14.79
CA LEU A 78 -6.03 -20.81 -15.78
C LEU A 78 -6.24 -21.36 -17.19
N ASP A 79 -6.53 -22.66 -17.31
CA ASP A 79 -6.78 -23.32 -18.59
C ASP A 79 -8.12 -22.92 -19.24
N HIS A 80 -9.09 -22.43 -18.44
CA HIS A 80 -10.42 -22.03 -18.91
C HIS A 80 -10.49 -20.64 -19.53
N LEU A 81 -9.90 -19.62 -18.87
CA LEU A 81 -9.95 -18.25 -19.36
C LEU A 81 -8.62 -17.65 -19.90
N PHE A 82 -7.66 -18.54 -20.25
CA PHE A 82 -6.37 -18.16 -20.84
C PHE A 82 -5.92 -19.16 -21.90
N GLY A 93 10.97 -26.57 -9.03
CA GLY A 93 9.62 -26.02 -9.01
C GLY A 93 9.03 -25.85 -7.63
N ARG A 94 7.91 -25.06 -7.53
CA ARG A 94 7.11 -24.75 -6.34
C ARG A 94 5.92 -23.84 -6.65
N LYS A 95 4.96 -23.75 -5.71
CA LYS A 95 3.76 -22.89 -5.74
C LYS A 95 4.10 -21.41 -5.28
N PRO A 96 3.12 -20.44 -5.30
CA PRO A 96 3.42 -19.04 -4.89
C PRO A 96 3.37 -18.61 -3.42
N CYS A 97 2.37 -19.05 -2.60
CA CYS A 97 2.24 -18.62 -1.19
C CYS A 97 3.00 -19.45 -0.12
N TYR A 98 3.71 -20.49 -0.54
CA TYR A 98 4.46 -21.36 0.38
C TYR A 98 5.62 -20.63 1.04
N GLY A 99 5.68 -20.76 2.36
CA GLY A 99 6.71 -20.14 3.17
C GLY A 99 6.34 -18.73 3.58
N ARG A 100 5.26 -18.21 3.00
CA ARG A 100 4.81 -16.86 3.30
C ARG A 100 3.82 -16.78 4.42
N GLU A 101 4.07 -15.82 5.30
CA GLU A 101 3.22 -15.51 6.44
C GLU A 101 1.91 -14.93 5.90
N GLN A 102 0.82 -15.20 6.60
CA GLN A 102 -0.49 -14.68 6.26
C GLN A 102 -0.76 -13.60 7.28
N ASN A 103 -2.00 -13.14 7.44
CA ASN A 103 -2.33 -12.06 8.38
C ASN A 103 -1.60 -10.75 8.04
N ARG A 104 -1.44 -10.49 6.72
CA ARG A 104 -0.80 -9.30 6.15
C ARG A 104 -1.53 -8.04 6.61
N PHE A 105 -2.83 -8.16 6.88
CA PHE A 105 -3.69 -7.04 7.28
C PHE A 105 -3.93 -6.88 8.75
N ASP A 106 -3.32 -7.74 9.59
CA ASP A 106 -3.48 -7.68 11.05
C ASP A 106 -3.01 -6.35 11.59
N GLU A 107 -3.72 -5.81 12.59
CA GLU A 107 -3.41 -4.56 13.26
C GLU A 107 -1.94 -4.44 13.75
N ASN A 108 -1.28 -5.60 13.97
CA ASN A 108 0.10 -5.63 14.44
C ASN A 108 1.09 -6.16 13.41
N ALA A 109 0.66 -6.34 12.14
CA ALA A 109 1.56 -6.71 11.05
C ALA A 109 2.49 -5.47 10.87
N GLU A 110 3.79 -5.71 10.86
CA GLU A 110 4.77 -4.65 10.85
C GLU A 110 5.22 -4.27 9.46
N ALA A 111 5.48 -2.98 9.24
CA ALA A 111 6.13 -2.56 7.98
C ALA A 111 7.65 -2.75 8.20
N TYR A 112 8.41 -2.94 7.12
CA TYR A 112 9.87 -3.04 7.18
C TYR A 112 10.46 -1.74 6.60
N CYS A 113 11.16 -0.94 7.46
CA CYS A 113 11.77 0.37 7.12
C CYS A 113 13.31 0.36 7.31
N ASN A 114 13.92 -0.78 7.61
CA ASN A 114 15.38 -0.87 7.80
C ASN A 114 16.15 -1.02 6.47
N SER A 115 17.49 -1.17 6.54
CA SER A 115 18.34 -1.20 5.35
C SER A 115 18.67 -2.49 4.64
N ASP A 116 18.86 -3.61 5.35
CA ASP A 116 19.31 -4.85 4.68
C ASP A 116 18.33 -5.39 3.61
N LYS A 117 17.03 -5.30 3.88
CA LYS A 117 16.00 -5.81 2.96
C LYS A 117 15.42 -4.76 1.96
N ILE A 118 15.97 -3.53 1.96
CA ILE A 118 15.47 -2.51 1.02
C ILE A 118 16.61 -1.86 0.30
N ARG A 119 16.60 -1.97 -1.05
CA ARG A 119 17.58 -1.35 -1.94
C ARG A 119 17.41 0.15 -1.86
N GLY A 120 18.49 0.88 -1.60
CA GLY A 120 18.39 2.32 -1.44
C GLY A 120 18.30 2.71 0.02
N ASN A 121 17.81 1.81 0.91
CA ASN A 121 17.84 2.15 2.34
C ASN A 121 19.24 1.79 2.83
N GLU A 122 19.87 2.69 3.60
CA GLU A 122 21.21 2.46 4.15
C GLU A 122 21.21 2.85 5.61
N ASN A 123 22.12 2.25 6.39
CA ASN A 123 22.26 2.58 7.82
C ASN A 123 22.72 4.02 8.01
N ASN A 124 23.46 4.59 7.04
CA ASN A 124 23.96 5.98 7.13
C ASN A 124 22.94 7.07 6.75
N ALA A 125 21.67 6.67 6.58
CA ALA A 125 20.61 7.62 6.24
C ALA A 125 19.33 7.35 7.04
N ASN A 126 18.76 8.43 7.60
CA ASN A 126 17.48 8.35 8.33
C ASN A 126 16.32 8.18 7.34
N GLY A 127 16.41 8.84 6.18
CA GLY A 127 15.40 8.73 5.12
C GLY A 127 15.27 7.31 4.63
N ALA A 128 14.03 6.78 4.60
CA ALA A 128 13.83 5.36 4.24
C ALA A 128 12.48 5.06 3.64
N ALA A 129 12.46 4.08 2.74
CA ALA A 129 11.19 3.59 2.17
C ALA A 129 10.70 2.46 3.13
N CYS A 130 9.37 2.29 3.30
CA CYS A 130 8.78 1.28 4.19
C CYS A 130 8.05 0.27 3.39
N ALA A 131 8.56 -0.96 3.33
CA ALA A 131 7.88 -2.05 2.62
C ALA A 131 6.67 -2.43 3.47
N PRO A 132 5.43 -2.31 2.92
CA PRO A 132 4.24 -2.65 3.72
C PRO A 132 4.13 -4.16 3.94
N PRO A 133 3.45 -4.60 5.02
CA PRO A 133 3.29 -6.07 5.24
C PRO A 133 2.67 -6.81 4.06
N ARG A 134 1.79 -6.13 3.24
CA ARG A 134 1.24 -6.75 2.03
C ARG A 134 2.38 -7.11 1.08
N ARG A 135 3.43 -6.26 0.97
CA ARG A 135 4.56 -6.53 0.09
C ARG A 135 5.46 -7.59 0.69
N ARG A 136 5.84 -7.44 1.94
CA ARG A 136 6.77 -8.35 2.65
C ARG A 136 6.45 -9.84 2.42
N HIS A 137 5.17 -10.19 2.49
CA HIS A 137 4.75 -11.59 2.38
C HIS A 137 4.06 -11.95 1.07
N ILE A 138 4.29 -11.16 0.00
CA ILE A 138 3.74 -11.39 -1.33
C ILE A 138 3.99 -12.84 -1.82
N CYS A 139 3.00 -13.40 -2.53
CA CYS A 139 3.09 -14.79 -3.05
C CYS A 139 3.89 -14.89 -4.33
N ASP A 140 5.24 -14.79 -4.22
CA ASP A 140 6.20 -14.80 -5.33
C ASP A 140 7.10 -16.05 -5.39
N GLN A 141 6.88 -17.01 -4.48
CA GLN A 141 7.68 -18.23 -4.34
C GLN A 141 8.00 -19.04 -5.60
N ASN A 142 7.03 -19.15 -6.54
CA ASN A 142 7.19 -19.87 -7.80
C ASN A 142 8.20 -19.20 -8.72
N LEU A 143 8.37 -17.86 -8.58
CA LEU A 143 9.32 -17.10 -9.39
C LEU A 143 10.77 -17.34 -8.93
N GLU A 144 10.98 -18.09 -7.81
CA GLU A 144 12.32 -18.46 -7.32
C GLU A 144 12.85 -19.72 -8.07
N PHE A 145 12.07 -20.22 -9.05
CA PHE A 145 12.33 -21.42 -9.85
C PHE A 145 12.17 -21.16 -11.33
N LEU A 146 12.81 -20.07 -11.79
CA LEU A 146 12.79 -19.63 -13.18
C LEU A 146 14.09 -20.00 -13.88
N ASP A 147 15.18 -20.24 -13.11
CA ASP A 147 16.46 -20.63 -13.67
C ASP A 147 16.44 -22.15 -13.84
N ASN A 148 15.92 -22.60 -15.00
CA ASN A 148 15.78 -23.99 -15.43
C ASN A 148 15.75 -24.10 -16.96
N LYS A 149 15.95 -25.32 -17.48
CA LYS A 149 15.99 -25.61 -18.92
C LYS A 149 14.63 -25.49 -19.62
N ASN A 150 13.54 -25.39 -18.85
CA ASN A 150 12.16 -25.29 -19.34
C ASN A 150 11.63 -23.86 -19.55
N THR A 151 12.08 -22.89 -18.73
CA THR A 151 11.62 -21.49 -18.82
C THR A 151 12.54 -20.70 -19.77
N ASN A 152 12.13 -20.56 -21.05
CA ASN A 152 12.95 -19.92 -22.10
C ASN A 152 12.26 -18.85 -22.94
N THR A 153 10.93 -18.85 -23.00
CA THR A 153 10.21 -17.89 -23.85
C THR A 153 9.32 -16.94 -23.04
N ALA A 154 8.82 -15.89 -23.72
CA ALA A 154 7.87 -14.90 -23.18
C ALA A 154 6.59 -15.60 -22.72
N HIS A 155 6.18 -16.69 -23.41
CA HIS A 155 5.00 -17.47 -23.04
C HIS A 155 5.27 -18.26 -21.78
N ASP A 156 6.50 -18.81 -21.63
CA ASP A 156 6.87 -19.57 -20.42
C ASP A 156 6.85 -18.68 -19.20
N LEU A 157 7.35 -17.44 -19.33
CA LEU A 157 7.37 -16.46 -18.24
C LEU A 157 5.96 -16.03 -17.88
N LEU A 158 5.12 -15.70 -18.88
CA LEU A 158 3.73 -15.30 -18.62
C LEU A 158 3.02 -16.33 -17.79
N GLY A 159 3.20 -17.61 -18.14
CA GLY A 159 2.61 -18.74 -17.42
C GLY A 159 2.88 -18.65 -15.93
N ASN A 160 4.16 -18.54 -15.56
CA ASN A 160 4.60 -18.38 -14.16
C ASN A 160 4.01 -17.15 -13.47
N VAL A 161 4.02 -15.99 -14.15
CA VAL A 161 3.50 -14.72 -13.64
C VAL A 161 1.98 -14.78 -13.42
N LEU A 162 1.25 -15.47 -14.32
CA LEU A 162 -0.20 -15.64 -14.15
C LEU A 162 -0.48 -16.49 -12.93
N VAL A 163 0.36 -17.51 -12.68
CA VAL A 163 0.25 -18.40 -11.50
C VAL A 163 0.47 -17.53 -10.23
N THR A 164 1.47 -16.60 -10.25
CA THR A 164 1.74 -15.71 -9.11
C THR A 164 0.49 -14.83 -8.85
N ALA A 165 -0.02 -14.19 -9.91
CA ALA A 165 -1.20 -13.31 -9.85
C ALA A 165 -2.42 -14.00 -9.29
N LYS A 166 -2.77 -15.19 -9.84
CA LYS A 166 -3.90 -15.99 -9.35
C LYS A 166 -3.82 -16.20 -7.82
N TYR A 167 -2.66 -16.71 -7.36
CA TYR A 167 -2.48 -16.97 -5.93
C TYR A 167 -2.43 -15.78 -5.06
N GLU A 168 -1.67 -14.74 -5.49
CA GLU A 168 -1.61 -13.46 -4.74
C GLU A 168 -3.01 -12.88 -4.55
N GLY A 169 -3.79 -12.83 -5.66
CA GLY A 169 -5.17 -12.37 -5.67
C GLY A 169 -6.03 -13.18 -4.73
N ASN A 170 -5.87 -14.52 -4.78
CA ASN A 170 -6.61 -15.41 -3.88
C ASN A 170 -6.32 -15.08 -2.43
N TYR A 171 -5.03 -14.85 -2.08
CA TYR A 171 -4.74 -14.49 -0.68
C TYR A 171 -5.43 -13.18 -0.35
N ILE A 172 -5.19 -12.10 -1.17
CA ILE A 172 -5.74 -10.78 -0.87
C ILE A 172 -7.23 -10.85 -0.64
N VAL A 173 -7.95 -11.43 -1.60
CA VAL A 173 -9.42 -11.52 -1.54
C VAL A 173 -9.87 -12.28 -0.30
N ASN A 174 -9.19 -13.39 0.05
CA ASN A 174 -9.63 -14.20 1.19
C ASN A 174 -9.21 -13.77 2.58
N ASP A 175 -8.40 -12.71 2.69
CA ASP A 175 -7.97 -12.23 3.99
C ASP A 175 -8.18 -10.74 4.18
N HIS A 176 -8.75 -10.08 3.14
CA HIS A 176 -8.99 -8.63 3.17
C HIS A 176 -9.93 -8.22 4.29
N PRO A 177 -9.67 -7.10 5.00
CA PRO A 177 -10.61 -6.66 6.05
C PRO A 177 -12.06 -6.41 5.60
N ASP A 178 -12.28 -6.17 4.30
CA ASP A 178 -13.63 -5.92 3.75
C ASP A 178 -14.26 -7.15 3.13
N LYS A 179 -13.68 -8.37 3.34
CA LYS A 179 -14.17 -9.65 2.81
C LYS A 179 -15.65 -9.92 3.11
N ASN A 180 -16.14 -9.45 4.28
CA ASN A 180 -17.51 -9.65 4.72
C ASN A 180 -18.37 -8.39 4.73
N SER A 181 -17.97 -7.38 3.93
CA SER A 181 -18.75 -6.14 3.77
C SER A 181 -20.00 -6.48 2.92
N ASN A 182 -21.08 -5.74 3.16
CA ASN A 182 -22.33 -5.90 2.42
C ASN A 182 -22.43 -4.93 1.21
N GLY A 183 -21.48 -4.00 1.13
CA GLY A 183 -21.37 -3.03 0.04
C GLY A 183 -20.48 -3.58 -1.06
N ASN A 184 -20.27 -2.79 -2.15
CA ASN A 184 -19.36 -3.20 -3.23
C ASN A 184 -17.97 -3.13 -2.58
N LYS A 185 -17.22 -4.23 -2.61
CA LYS A 185 -15.92 -4.33 -1.91
C LYS A 185 -14.77 -3.66 -2.71
N ALA A 186 -14.90 -2.34 -2.94
CA ALA A 186 -13.93 -1.53 -3.70
C ALA A 186 -12.55 -1.57 -3.07
N GLY A 187 -12.53 -1.70 -1.73
CA GLY A 187 -11.31 -1.78 -0.91
C GLY A 187 -10.40 -2.93 -1.31
N ILE A 188 -11.00 -4.08 -1.73
CA ILE A 188 -10.29 -5.28 -2.18
C ILE A 188 -9.62 -5.00 -3.52
N CYS A 189 -10.36 -4.36 -4.46
CA CYS A 189 -9.85 -3.97 -5.77
C CYS A 189 -8.60 -3.04 -5.60
N THR A 190 -8.64 -2.11 -4.64
CA THR A 190 -7.50 -1.19 -4.30
C THR A 190 -6.29 -2.03 -3.84
N SER A 191 -6.49 -3.02 -2.92
CA SER A 191 -5.38 -3.84 -2.44
C SER A 191 -4.80 -4.68 -3.54
N LEU A 192 -5.67 -5.21 -4.44
CA LEU A 192 -5.23 -5.94 -5.63
C LEU A 192 -4.43 -5.02 -6.54
N ALA A 193 -4.85 -3.77 -6.72
CA ALA A 193 -4.10 -2.81 -7.59
C ALA A 193 -2.68 -2.56 -6.98
N ARG A 194 -2.59 -2.59 -5.65
CA ARG A 194 -1.31 -2.39 -4.97
C ARG A 194 -0.38 -3.56 -5.18
N SER A 195 -0.90 -4.81 -5.17
CA SER A 195 -0.12 -6.01 -5.43
C SER A 195 0.25 -6.09 -6.89
N PHE A 196 -0.69 -5.76 -7.78
CA PHE A 196 -0.47 -5.73 -9.23
C PHE A 196 0.72 -4.84 -9.54
N ALA A 197 0.75 -3.66 -8.89
CA ALA A 197 1.86 -2.69 -9.04
C ALA A 197 3.21 -3.23 -8.51
N ASP A 198 3.21 -3.93 -7.36
CA ASP A 198 4.41 -4.54 -6.82
C ASP A 198 4.92 -5.66 -7.75
N ILE A 199 3.99 -6.49 -8.32
CA ILE A 199 4.31 -7.56 -9.27
C ILE A 199 4.97 -7.00 -10.50
N GLY A 200 4.39 -5.93 -11.03
CA GLY A 200 4.98 -5.23 -12.18
C GLY A 200 6.38 -4.75 -11.88
N ASP A 201 6.61 -4.21 -10.65
CA ASP A 201 7.97 -3.79 -10.28
C ASP A 201 8.93 -4.95 -10.11
N ILE A 202 8.44 -6.12 -9.64
CA ILE A 202 9.27 -7.32 -9.49
C ILE A 202 9.67 -7.81 -10.89
N VAL A 203 8.67 -7.95 -11.77
CA VAL A 203 8.87 -8.37 -13.14
C VAL A 203 9.87 -7.45 -13.83
N ARG A 204 9.72 -6.13 -13.66
CA ARG A 204 10.60 -5.14 -14.32
C ARG A 204 11.97 -4.94 -13.68
N GLY A 205 12.16 -5.49 -12.48
CA GLY A 205 13.41 -5.31 -11.76
C GLY A 205 13.56 -3.95 -11.10
N ARG A 206 12.44 -3.27 -10.81
CA ARG A 206 12.39 -1.95 -10.19
C ARG A 206 12.04 -2.07 -8.70
N ASP A 207 11.46 -3.23 -8.29
CA ASP A 207 11.07 -3.46 -6.90
C ASP A 207 12.24 -3.27 -5.94
N MET A 208 12.01 -2.60 -4.80
CA MET A 208 13.03 -2.25 -3.80
C MET A 208 13.21 -3.31 -2.70
N PHE A 209 12.28 -4.27 -2.60
CA PHE A 209 12.37 -5.24 -1.50
C PHE A 209 13.33 -6.39 -1.77
N LEU A 210 14.23 -6.65 -0.82
CA LEU A 210 15.19 -7.71 -0.94
C LEU A 210 14.82 -8.77 0.11
N PRO A 211 14.03 -9.81 -0.25
CA PRO A 211 13.58 -10.80 0.75
C PRO A 211 14.69 -11.43 1.59
N ASN A 212 15.83 -11.71 0.95
CA ASN A 212 17.04 -12.27 1.58
C ASN A 212 18.24 -12.08 0.63
N LYS A 213 19.47 -12.34 1.12
CA LYS A 213 20.72 -12.19 0.37
C LYS A 213 20.77 -12.94 -0.98
N ASP A 214 19.94 -13.96 -1.17
CA ASP A 214 19.98 -14.76 -2.40
C ASP A 214 19.37 -14.13 -3.67
N ASP A 215 18.37 -13.23 -3.51
CA ASP A 215 17.70 -12.53 -4.62
C ASP A 215 17.28 -13.47 -5.76
N LYS A 216 16.77 -14.67 -5.39
CA LYS A 216 16.39 -15.72 -6.35
C LYS A 216 15.39 -15.31 -7.40
N VAL A 217 14.33 -14.57 -7.01
CA VAL A 217 13.30 -14.12 -7.97
C VAL A 217 13.97 -13.30 -9.05
N GLN A 218 14.80 -12.30 -8.67
CA GLN A 218 15.48 -11.43 -9.63
C GLN A 218 16.50 -12.13 -10.49
N LYS A 219 17.27 -13.04 -9.88
CA LYS A 219 18.28 -13.80 -10.62
C LYS A 219 17.64 -14.72 -11.66
N GLY A 220 16.50 -15.32 -11.30
CA GLY A 220 15.72 -16.15 -12.21
C GLY A 220 15.18 -15.34 -13.36
N LEU A 221 14.64 -14.15 -13.05
CA LEU A 221 14.09 -13.22 -14.06
C LEU A 221 15.14 -12.73 -15.03
N GLN A 222 16.35 -12.40 -14.56
CA GLN A 222 17.41 -11.98 -15.48
C GLN A 222 17.90 -13.10 -16.42
N VAL A 223 17.79 -14.38 -15.98
CA VAL A 223 18.14 -15.57 -16.80
C VAL A 223 17.06 -15.75 -17.87
N VAL A 224 15.76 -15.76 -17.46
CA VAL A 224 14.62 -15.88 -18.38
C VAL A 224 14.63 -14.77 -19.44
N PHE A 225 14.88 -13.52 -19.00
CA PHE A 225 14.92 -12.38 -19.92
C PHE A 225 16.10 -12.34 -20.88
N LYS A 226 17.22 -13.04 -20.53
CA LYS A 226 18.41 -13.18 -21.40
C LYS A 226 18.04 -14.16 -22.56
N LYS A 227 17.37 -15.28 -22.22
CA LYS A 227 16.84 -16.28 -23.15
C LYS A 227 15.84 -15.62 -24.10
N ILE A 228 14.87 -14.84 -23.58
CA ILE A 228 13.87 -14.12 -24.38
C ILE A 228 14.58 -13.23 -25.39
N TYR A 229 15.57 -12.43 -24.95
CA TYR A 229 16.34 -11.53 -25.81
C TYR A 229 17.03 -12.26 -26.94
N LYS A 230 17.68 -13.40 -26.64
CA LYS A 230 18.39 -14.22 -27.63
C LYS A 230 17.40 -14.83 -28.63
N SER A 231 16.18 -15.19 -28.16
CA SER A 231 15.12 -15.77 -28.99
C SER A 231 14.45 -14.78 -29.94
N LEU A 232 14.67 -13.46 -29.75
CA LEU A 232 14.06 -12.43 -30.61
C LEU A 232 14.70 -12.42 -31.99
N THR A 233 13.99 -11.85 -32.99
CA THR A 233 14.51 -11.70 -34.36
C THR A 233 15.62 -10.63 -34.32
N PRO A 234 16.69 -10.70 -35.15
CA PRO A 234 17.76 -9.68 -35.05
C PRO A 234 17.32 -8.22 -35.04
N GLU A 235 16.25 -7.88 -35.78
CA GLU A 235 15.70 -6.52 -35.88
C GLU A 235 15.04 -6.09 -34.56
N ALA A 236 14.43 -7.04 -33.82
CA ALA A 236 13.83 -6.79 -32.50
C ALA A 236 14.98 -6.65 -31.49
N ARG A 237 16.02 -7.51 -31.61
CA ARG A 237 17.22 -7.51 -30.77
C ARG A 237 17.92 -6.16 -30.82
N LYS A 238 17.90 -5.47 -31.98
CA LYS A 238 18.55 -4.15 -32.11
C LYS A 238 17.69 -3.04 -31.53
N HIS A 239 16.35 -3.19 -31.59
CA HIS A 239 15.40 -2.26 -31.00
C HIS A 239 15.61 -2.26 -29.47
N TYR A 240 15.87 -3.44 -28.89
CA TYR A 240 16.15 -3.63 -27.47
C TYR A 240 17.65 -3.67 -27.16
N ALA A 241 18.43 -2.89 -27.89
CA ALA A 241 19.86 -2.88 -27.66
C ALA A 241 20.38 -1.52 -27.32
N HIS A 242 21.41 -1.47 -26.46
CA HIS A 242 22.15 -0.25 -26.13
C HIS A 242 23.03 0.08 -27.38
N GLY A 243 23.62 1.27 -27.43
CA GLY A 243 24.47 1.70 -28.54
C GLY A 243 25.59 0.73 -28.86
N ASP A 244 26.24 0.17 -27.81
CA ASP A 244 27.33 -0.80 -27.94
C ASP A 244 26.91 -2.21 -28.42
N GLY A 245 25.61 -2.40 -28.68
CA GLY A 245 25.08 -3.68 -29.13
C GLY A 245 24.60 -4.59 -28.00
N SER A 246 24.93 -4.25 -26.73
CA SER A 246 24.50 -5.04 -25.59
C SER A 246 22.99 -4.88 -25.32
N GLY A 247 22.36 -5.96 -24.83
CA GLY A 247 20.94 -6.02 -24.55
C GLY A 247 20.46 -5.02 -23.51
N ASN A 248 19.38 -4.30 -23.85
CA ASN A 248 18.76 -3.31 -22.96
C ASN A 248 17.62 -4.06 -22.27
N TYR A 249 18.01 -4.82 -21.25
CA TYR A 249 17.13 -5.66 -20.48
C TYR A 249 16.11 -4.87 -19.70
N ALA A 250 16.47 -3.65 -19.26
CA ALA A 250 15.53 -2.78 -18.55
C ALA A 250 14.35 -2.39 -19.45
N LYS A 251 14.61 -2.03 -20.71
CA LYS A 251 13.60 -1.66 -21.70
C LYS A 251 12.78 -2.89 -22.11
N LEU A 252 13.46 -4.02 -22.29
CA LEU A 252 12.85 -5.29 -22.64
C LEU A 252 11.85 -5.76 -21.57
N ARG A 253 12.22 -5.64 -20.28
CA ARG A 253 11.32 -6.04 -19.18
C ARG A 253 10.13 -5.09 -19.03
N GLU A 254 10.34 -3.77 -19.24
CA GLU A 254 9.33 -2.70 -19.21
C GLU A 254 8.23 -2.98 -20.23
N ASP A 255 8.66 -3.29 -21.49
CA ASP A 255 7.75 -3.55 -22.61
C ASP A 255 7.07 -4.88 -22.41
N TRP A 256 7.79 -5.88 -21.90
CA TRP A 256 7.14 -7.14 -21.60
C TRP A 256 5.99 -6.88 -20.63
N TRP A 257 6.22 -6.10 -19.55
CA TRP A 257 5.18 -5.81 -18.58
C TRP A 257 3.99 -5.14 -19.24
N THR A 258 4.26 -4.03 -19.93
CA THR A 258 3.27 -3.23 -20.63
C THR A 258 2.43 -4.07 -21.57
N ILE A 259 3.07 -5.00 -22.30
CA ILE A 259 2.40 -5.86 -23.27
C ILE A 259 1.50 -6.91 -22.61
N ASN A 260 1.95 -7.49 -21.49
CA ASN A 260 1.20 -8.55 -20.85
C ASN A 260 0.39 -8.15 -19.64
N ARG A 261 0.45 -6.87 -19.22
CA ARG A 261 -0.23 -6.40 -18.00
C ARG A 261 -1.72 -6.70 -17.94
N GLU A 262 -2.41 -6.67 -19.10
CA GLU A 262 -3.83 -6.92 -19.17
C GLU A 262 -4.21 -8.34 -18.74
N GLN A 263 -3.54 -9.38 -19.27
CA GLN A 263 -3.75 -10.80 -18.90
C GLN A 263 -3.35 -11.01 -17.44
N ILE A 264 -2.23 -10.39 -17.02
CA ILE A 264 -1.78 -10.47 -15.62
C ILE A 264 -2.88 -9.95 -14.68
N TRP A 265 -3.52 -8.80 -15.02
CA TRP A 265 -4.62 -8.23 -14.20
C TRP A 265 -5.80 -9.22 -14.16
N LYS A 266 -6.09 -9.88 -15.32
CA LYS A 266 -7.17 -10.87 -15.46
C LYS A 266 -6.89 -12.03 -14.50
N ALA A 267 -5.67 -12.60 -14.51
CA ALA A 267 -5.32 -13.66 -13.57
C ALA A 267 -5.44 -13.19 -12.10
N LEU A 268 -4.89 -12.00 -11.79
CA LEU A 268 -4.95 -11.45 -10.44
C LEU A 268 -6.35 -11.35 -9.87
N THR A 269 -7.33 -11.03 -10.74
CA THR A 269 -8.73 -10.87 -10.34
C THR A 269 -9.60 -12.15 -10.50
N CYS A 270 -9.01 -13.31 -10.91
CA CYS A 270 -9.72 -14.62 -11.03
C CYS A 270 -10.70 -14.86 -9.87
N SER A 271 -10.25 -14.63 -8.62
CA SER A 271 -11.03 -14.85 -7.39
C SER A 271 -11.65 -13.61 -6.82
N ALA A 272 -11.57 -12.48 -7.53
CA ALA A 272 -12.12 -11.23 -6.99
C ALA A 272 -13.63 -11.35 -6.84
N PRO A 273 -14.21 -10.84 -5.74
CA PRO A 273 -15.67 -10.97 -5.57
C PRO A 273 -16.41 -10.33 -6.72
N TYR A 274 -17.59 -10.90 -7.09
CA TYR A 274 -18.42 -10.34 -8.16
C TYR A 274 -18.79 -8.89 -7.88
N TYR A 275 -19.24 -8.60 -6.66
CA TYR A 275 -19.64 -7.27 -6.28
C TYR A 275 -18.47 -6.50 -5.69
N ALA A 276 -17.51 -6.19 -6.56
CA ALA A 276 -16.28 -5.45 -6.26
C ALA A 276 -15.80 -4.80 -7.54
N ASP A 277 -15.62 -3.49 -7.50
CA ASP A 277 -15.14 -2.77 -8.67
C ASP A 277 -14.10 -1.75 -8.27
N TYR A 278 -13.19 -1.41 -9.19
CA TYR A 278 -12.17 -0.39 -8.89
C TYR A 278 -12.74 0.99 -9.18
N PHE A 279 -12.60 1.92 -8.25
CA PHE A 279 -13.09 3.26 -8.47
C PHE A 279 -11.96 4.25 -8.30
N ARG A 280 -11.92 5.26 -9.17
CA ARG A 280 -10.96 6.36 -9.10
C ARG A 280 -11.58 7.60 -9.71
N LYS A 281 -11.10 8.79 -9.28
CA LYS A 281 -11.62 10.07 -9.76
C LYS A 281 -10.60 10.84 -10.53
N GLY A 282 -11.06 11.59 -11.53
CA GLY A 282 -10.23 12.50 -12.29
C GLY A 282 -10.03 13.78 -11.49
N SER A 283 -9.15 14.64 -11.98
CA SER A 283 -8.84 15.93 -11.38
C SER A 283 -10.06 16.85 -11.31
N ASP A 284 -11.06 16.62 -12.20
CA ASP A 284 -12.29 17.40 -12.22
C ASP A 284 -13.40 16.74 -11.38
N GLY A 285 -13.09 15.61 -10.73
CA GLY A 285 -14.07 14.90 -9.91
C GLY A 285 -14.85 13.82 -10.65
N THR A 286 -14.68 13.72 -11.98
CA THR A 286 -15.33 12.69 -12.81
C THR A 286 -14.98 11.31 -12.25
N LEU A 287 -16.01 10.46 -12.07
CA LEU A 287 -15.88 9.09 -11.55
C LEU A 287 -15.52 8.10 -12.66
N HIS A 288 -14.43 7.32 -12.46
CA HIS A 288 -13.96 6.25 -13.36
C HIS A 288 -14.07 4.92 -12.59
N PHE A 289 -14.53 3.88 -13.27
CA PHE A 289 -14.84 2.62 -12.58
C PHE A 289 -14.86 1.45 -13.51
N SER A 290 -14.60 0.24 -12.97
CA SER A 290 -14.78 -1.01 -13.72
C SER A 290 -16.30 -1.23 -13.69
N SER A 291 -16.86 -1.91 -14.71
CA SER A 291 -18.32 -2.04 -14.89
C SER A 291 -18.97 -3.38 -14.58
N HIS A 292 -18.23 -4.48 -14.70
CA HIS A 292 -18.83 -5.80 -14.61
C HIS A 292 -18.39 -6.65 -13.42
N GLY A 293 -17.90 -5.99 -12.40
CA GLY A 293 -17.50 -6.65 -11.16
C GLY A 293 -16.18 -7.38 -11.25
N LYS A 294 -15.84 -8.09 -10.16
CA LYS A 294 -14.55 -8.82 -10.11
C LYS A 294 -13.34 -7.86 -10.40
N CYS A 295 -13.48 -6.57 -10.04
CA CYS A 295 -12.46 -5.52 -10.22
C CYS A 295 -12.03 -5.34 -11.69
N GLY A 296 -12.97 -5.57 -12.62
CA GLY A 296 -12.68 -5.45 -14.05
C GLY A 296 -12.07 -6.68 -14.69
N HIS A 297 -12.17 -7.84 -14.03
CA HIS A 297 -11.68 -9.13 -14.50
C HIS A 297 -12.13 -9.44 -15.93
N ASN A 298 -13.35 -9.08 -16.27
CA ASN A 298 -13.91 -9.43 -17.59
C ASN A 298 -13.82 -8.34 -18.63
N GLU A 299 -13.15 -7.20 -18.33
CA GLU A 299 -13.15 -5.97 -19.14
C GLU A 299 -11.95 -5.57 -19.98
N GLY A 300 -10.92 -6.40 -20.05
CA GLY A 300 -9.75 -6.05 -20.84
C GLY A 300 -8.83 -5.12 -20.06
N ALA A 301 -8.60 -3.88 -20.57
CA ALA A 301 -7.70 -2.88 -19.98
C ALA A 301 -7.86 -2.71 -18.48
N PRO A 302 -6.79 -2.90 -17.68
CA PRO A 302 -6.94 -2.75 -16.22
C PRO A 302 -7.53 -1.40 -15.81
N PRO A 303 -8.31 -1.32 -14.72
CA PRO A 303 -8.86 0.00 -14.34
C PRO A 303 -7.82 0.84 -13.58
N THR A 304 -6.65 0.25 -13.30
CA THR A 304 -5.59 0.90 -12.52
C THR A 304 -4.37 1.21 -13.36
N TYR A 305 -3.64 2.22 -12.90
CA TYR A 305 -2.37 2.69 -13.45
C TYR A 305 -1.34 2.81 -12.33
N LEU A 306 -1.54 2.11 -11.19
CA LEU A 306 -0.60 2.14 -10.07
C LEU A 306 0.73 1.54 -10.47
N ASP A 307 0.72 0.58 -11.42
CA ASP A 307 1.96 0.00 -11.93
C ASP A 307 2.85 1.03 -12.70
N TYR A 308 2.36 2.29 -12.82
CA TYR A 308 3.14 3.38 -13.43
C TYR A 308 3.42 4.48 -12.41
N VAL A 309 3.21 4.15 -11.13
CA VAL A 309 3.46 5.09 -10.02
C VAL A 309 4.74 4.63 -9.31
N PRO A 310 5.76 5.51 -9.06
CA PRO A 310 6.93 5.07 -8.31
C PRO A 310 6.55 4.31 -7.05
N GLN A 311 7.22 3.20 -6.82
CA GLN A 311 6.98 2.28 -5.69
C GLN A 311 6.99 2.94 -4.32
N PHE A 312 7.97 3.82 -4.04
CA PHE A 312 8.07 4.53 -2.77
C PHE A 312 6.77 5.33 -2.51
N LEU A 313 6.25 6.03 -3.52
CA LEU A 313 5.01 6.81 -3.37
C LEU A 313 3.79 5.92 -3.08
N ARG A 314 3.72 4.77 -3.74
CA ARG A 314 2.67 3.77 -3.53
C ARG A 314 2.77 3.23 -2.11
N TRP A 315 3.99 2.92 -1.63
CA TRP A 315 4.17 2.37 -0.28
C TRP A 315 3.84 3.35 0.82
N PHE A 316 4.17 4.64 0.61
CA PHE A 316 3.90 5.68 1.58
C PHE A 316 2.38 5.94 1.62
N GLU A 317 1.69 5.88 0.46
CA GLU A 317 0.24 6.07 0.40
C GLU A 317 -0.45 4.89 1.15
N GLU A 318 0.04 3.66 0.95
CA GLU A 318 -0.53 2.51 1.66
C GLU A 318 -0.18 2.57 3.14
N TRP A 319 1.02 3.10 3.47
CA TRP A 319 1.44 3.24 4.87
C TRP A 319 0.43 4.11 5.59
N SER A 320 0.13 5.28 5.01
CA SER A 320 -0.78 6.26 5.62
C SER A 320 -2.22 5.77 5.77
N GLU A 321 -2.74 5.09 4.74
CA GLU A 321 -4.10 4.52 4.74
C GLU A 321 -4.26 3.42 5.80
N GLU A 322 -3.27 2.54 5.86
CA GLU A 322 -3.23 1.43 6.83
C GLU A 322 -3.00 1.93 8.22
N PHE A 323 -2.22 3.03 8.38
CA PHE A 323 -1.98 3.67 9.68
C PHE A 323 -3.32 4.20 10.20
N CYS A 324 -4.04 4.99 9.38
CA CYS A 324 -5.34 5.59 9.76
C CYS A 324 -6.39 4.51 10.03
N ARG A 325 -6.41 3.45 9.22
CA ARG A 325 -7.37 2.35 9.37
C ARG A 325 -7.13 1.64 10.71
N ILE A 326 -5.87 1.19 10.96
CA ILE A 326 -5.43 0.52 12.19
C ILE A 326 -5.59 1.41 13.43
N LYS A 327 -5.30 2.71 13.33
CA LYS A 327 -5.44 3.66 14.43
C LYS A 327 -6.89 3.64 14.97
N LYS A 328 -7.88 3.60 14.07
CA LYS A 328 -9.30 3.54 14.46
C LYS A 328 -9.57 2.26 15.28
N ILE A 329 -9.02 1.11 14.84
CA ILE A 329 -9.16 -0.15 15.57
C ILE A 329 -8.53 -0.06 16.97
N LYS A 330 -7.33 0.53 17.06
CA LYS A 330 -6.60 0.64 18.32
C LYS A 330 -7.25 1.62 19.28
N ILE A 331 -7.79 2.75 18.79
CA ILE A 331 -8.47 3.74 19.63
C ILE A 331 -9.71 3.13 20.31
N ASP A 332 -10.48 2.31 19.56
CA ASP A 332 -11.67 1.59 20.01
C ASP A 332 -11.36 0.62 21.16
N LYS A 333 -10.20 -0.08 21.08
CA LYS A 333 -9.76 -1.00 22.14
C LYS A 333 -9.33 -0.22 23.37
N VAL A 334 -8.72 0.96 23.17
CA VAL A 334 -8.32 1.84 24.28
C VAL A 334 -9.59 2.38 24.97
N LYS A 335 -10.58 2.81 24.15
CA LYS A 335 -11.83 3.32 24.66
C LYS A 335 -12.55 2.27 25.54
N LYS A 336 -12.64 0.99 25.10
CA LYS A 336 -13.31 -0.02 25.92
C LYS A 336 -12.68 -0.29 27.29
N GLU A 337 -11.36 -0.03 27.44
CA GLU A 337 -10.63 -0.18 28.69
C GLU A 337 -10.56 1.14 29.50
N CYS A 338 -10.89 2.30 28.89
CA CYS A 338 -10.75 3.61 29.52
C CYS A 338 -12.03 4.37 29.80
N ARG A 339 -12.97 4.34 28.86
CA ARG A 339 -14.19 5.13 28.95
C ARG A 339 -15.40 4.32 28.51
N ASP A 340 -16.37 4.22 29.42
CA ASP A 340 -17.68 3.61 29.24
C ASP A 340 -18.61 4.41 30.18
N GLU A 341 -19.09 5.57 29.69
CA GLU A 341 -19.93 6.50 30.45
C GLU A 341 -21.21 5.87 31.02
N GLN A 342 -21.89 5.03 30.21
CA GLN A 342 -23.12 4.29 30.55
C GLN A 342 -22.90 3.36 31.74
N ASN A 343 -21.71 2.72 31.80
CA ASN A 343 -21.31 1.82 32.88
C ASN A 343 -20.41 2.49 33.93
N LYS A 344 -20.48 3.85 34.00
CA LYS A 344 -19.76 4.70 34.96
C LYS A 344 -18.22 4.55 35.00
N LYS A 345 -17.62 4.09 33.90
CA LYS A 345 -16.18 3.93 33.76
C LYS A 345 -15.57 5.16 33.09
N TYR A 346 -14.64 5.80 33.79
CA TYR A 346 -13.89 6.96 33.34
C TYR A 346 -12.54 6.92 34.05
N CYS A 347 -11.57 6.36 33.34
CA CYS A 347 -10.21 6.17 33.80
C CYS A 347 -9.27 7.21 33.14
N SER A 348 -8.04 7.27 33.62
CA SER A 348 -6.96 8.09 33.05
C SER A 348 -5.85 7.13 32.59
N GLY A 349 -4.89 7.66 31.82
CA GLY A 349 -3.73 6.92 31.35
C GLY A 349 -2.85 6.42 32.48
N ASP A 350 -2.90 7.10 33.66
CA ASP A 350 -2.15 6.72 34.87
C ASP A 350 -2.88 5.63 35.71
N GLY A 351 -4.03 5.15 35.23
CA GLY A 351 -4.85 4.16 35.90
C GLY A 351 -5.69 4.70 37.04
N HIS A 352 -5.90 6.04 37.08
CA HIS A 352 -6.74 6.66 38.11
C HIS A 352 -8.20 6.54 37.74
N ASP A 353 -9.07 6.38 38.76
CA ASP A 353 -10.51 6.36 38.54
C ASP A 353 -10.94 7.81 38.70
N CYS A 354 -11.26 8.47 37.57
CA CYS A 354 -11.64 9.89 37.54
C CYS A 354 -12.93 10.22 38.31
N THR A 355 -13.78 9.20 38.55
CA THR A 355 -15.02 9.32 39.33
C THR A 355 -14.72 9.44 40.84
N GLN A 356 -13.51 9.06 41.27
CA GLN A 356 -13.08 9.12 42.68
C GLN A 356 -11.71 9.82 42.85
N THR A 357 -11.26 10.56 41.82
CA THR A 357 -9.96 11.26 41.82
C THR A 357 -10.14 12.77 41.70
N ASN A 358 -9.34 13.51 42.45
CA ASN A 358 -9.30 14.97 42.45
C ASN A 358 -7.84 15.39 42.51
N LEU A 359 -7.25 15.65 41.32
CA LEU A 359 -5.84 16.04 41.18
C LEU A 359 -5.52 17.42 41.81
N ALA A 360 -6.53 18.32 41.86
CA ALA A 360 -6.45 19.66 42.45
C ALA A 360 -6.20 19.63 43.97
N HIS A 361 -6.69 18.59 44.65
CA HIS A 361 -6.53 18.38 46.09
C HIS A 361 -5.49 17.29 46.38
N ASN A 362 -4.87 16.76 45.31
CA ASN A 362 -3.91 15.66 45.31
C ASN A 362 -4.52 14.36 45.88
N GLN A 363 -5.81 14.13 45.61
CA GLN A 363 -6.53 12.92 46.04
C GLN A 363 -6.63 11.94 44.87
N ILE A 364 -5.76 10.93 44.89
CA ILE A 364 -5.68 9.90 43.85
C ILE A 364 -6.39 8.62 44.29
N PHE A 365 -7.32 8.11 43.45
CA PHE A 365 -7.95 6.82 43.72
C PHE A 365 -7.81 5.91 42.53
N VAL A 366 -7.10 4.80 42.74
CA VAL A 366 -6.87 3.78 41.74
C VAL A 366 -7.76 2.60 42.12
N ASP A 367 -8.82 2.35 41.34
CA ASP A 367 -9.71 1.20 41.53
C ASP A 367 -9.04 -0.02 40.85
N LEU A 368 -9.77 -1.11 40.66
CA LEU A 368 -9.17 -2.30 40.07
C LEU A 368 -9.39 -2.41 38.56
N ASP A 369 -10.38 -1.67 38.02
CA ASP A 369 -10.63 -1.67 36.58
C ASP A 369 -9.67 -0.73 35.81
N CYS A 370 -9.45 0.50 36.33
CA CYS A 370 -8.60 1.51 35.70
C CYS A 370 -7.13 1.19 35.43
N PRO A 371 -6.41 0.33 36.22
CA PRO A 371 -5.06 -0.09 35.81
C PRO A 371 -5.05 -0.68 34.39
N ARG A 372 -6.14 -1.32 33.92
CA ARG A 372 -6.27 -1.86 32.55
C ARG A 372 -6.23 -0.74 31.47
N CYS A 373 -6.73 0.48 31.82
CA CYS A 373 -6.68 1.65 30.93
C CYS A 373 -5.21 2.01 30.78
N GLN A 374 -4.46 2.06 31.90
CA GLN A 374 -3.02 2.32 31.92
C GLN A 374 -2.27 1.35 30.97
N ASP A 375 -2.54 0.04 31.07
CA ASP A 375 -1.92 -1.01 30.25
C ASP A 375 -2.24 -0.86 28.75
N GLN A 376 -3.50 -0.50 28.40
CA GLN A 376 -3.91 -0.29 27.01
C GLN A 376 -3.29 0.98 26.43
N CYS A 377 -3.20 2.03 27.26
CA CYS A 377 -2.60 3.32 26.90
C CYS A 377 -1.11 3.18 26.62
N ILE A 378 -0.38 2.41 27.46
CA ILE A 378 1.06 2.11 27.33
C ILE A 378 1.30 1.42 25.99
N LYS A 379 0.52 0.35 25.70
CA LYS A 379 0.57 -0.42 24.46
C LYS A 379 0.24 0.44 23.22
N TYR A 380 -0.80 1.29 23.30
CA TYR A 380 -1.20 2.18 22.22
C TYR A 380 -0.09 3.20 21.97
N ASN A 381 0.47 3.77 23.04
CA ASN A 381 1.56 4.75 22.87
C ASN A 381 2.80 4.13 22.23
N GLU A 382 3.12 2.83 22.49
CA GLU A 382 4.30 2.24 21.86
C GLU A 382 4.12 2.12 20.33
N TRP A 383 2.90 1.70 19.90
CA TRP A 383 2.57 1.60 18.48
C TRP A 383 2.66 2.96 17.82
N ILE A 384 2.07 4.02 18.45
CA ILE A 384 2.04 5.38 17.90
C ILE A 384 3.45 5.94 17.75
N VAL A 385 4.33 5.60 18.71
CA VAL A 385 5.73 6.04 18.72
C VAL A 385 6.49 5.41 17.58
N LYS A 386 6.22 4.13 17.30
CA LYS A 386 6.82 3.41 16.19
C LYS A 386 6.32 3.97 14.82
N LYS A 387 5.02 4.34 14.74
CA LYS A 387 4.39 4.86 13.50
C LYS A 387 4.92 6.25 13.22
N LEU A 388 5.12 7.06 14.27
CA LEU A 388 5.72 8.38 14.13
C LEU A 388 7.09 8.26 13.49
N GLU A 389 7.93 7.29 13.94
CA GLU A 389 9.28 7.14 13.40
C GLU A 389 9.23 6.75 11.93
N GLU A 390 8.40 5.76 11.59
CA GLU A 390 8.15 5.33 10.22
C GLU A 390 7.75 6.50 9.35
N PHE A 391 6.89 7.39 9.90
CA PHE A 391 6.41 8.59 9.25
C PHE A 391 7.56 9.56 8.92
N TYR A 392 8.42 9.89 9.92
CA TYR A 392 9.53 10.82 9.66
C TYR A 392 10.52 10.25 8.64
N LYS A 393 10.72 8.91 8.67
CA LYS A 393 11.65 8.24 7.74
C LYS A 393 11.18 8.37 6.31
N GLN A 394 9.87 8.28 6.08
CA GLN A 394 9.27 8.38 4.74
C GLN A 394 9.17 9.81 4.28
N ASN A 395 9.02 10.71 5.24
CA ASN A 395 8.98 12.14 5.08
C ASN A 395 10.32 12.58 4.49
N LEU A 396 11.41 12.07 5.06
CA LEU A 396 12.76 12.35 4.59
C LEU A 396 13.00 11.74 3.20
N LYS A 397 12.57 10.49 2.99
CA LYS A 397 12.75 9.80 1.72
C LYS A 397 12.04 10.56 0.60
N TYR A 398 10.85 11.14 0.89
CA TYR A 398 10.07 11.92 -0.07
C TYR A 398 10.90 13.12 -0.53
N SER A 399 11.42 13.90 0.43
CA SER A 399 12.27 15.04 0.14
C SER A 399 13.48 14.63 -0.76
N MET A 400 14.13 13.52 -0.41
CA MET A 400 15.26 12.94 -1.13
C MET A 400 14.90 12.56 -2.57
N GLU A 401 13.70 11.93 -2.79
CA GLU A 401 13.24 11.55 -4.14
C GLU A 401 12.99 12.80 -4.99
N ILE A 402 12.35 13.84 -4.39
CA ILE A 402 12.10 15.13 -5.03
C ILE A 402 13.46 15.81 -5.39
N GLN A 403 14.44 15.82 -4.46
CA GLN A 403 15.78 16.41 -4.63
C GLN A 403 16.59 15.69 -5.70
N LYS A 404 16.45 14.35 -5.76
CA LYS A 404 17.09 13.52 -6.76
C LYS A 404 16.59 13.98 -8.15
N TRP A 405 15.28 14.28 -8.28
CA TRP A 405 14.68 14.75 -9.53
C TRP A 405 15.24 16.09 -9.97
N LYS A 406 15.33 17.06 -9.03
CA LYS A 406 15.83 18.42 -9.28
C LYS A 406 17.29 18.41 -9.75
N LYS A 407 18.13 17.60 -9.09
CA LYS A 407 19.57 17.50 -9.33
C LYS A 407 19.98 16.52 -10.44
N THR A 408 19.14 15.54 -10.77
CA THR A 408 19.53 14.56 -11.78
C THR A 408 19.43 15.09 -13.21
N LYS A 409 20.60 15.21 -13.88
CA LYS A 409 20.76 15.69 -15.25
C LYS A 409 20.35 14.57 -16.22
N ASN A 410 20.82 13.32 -15.93
CA ASN A 410 20.55 12.10 -16.69
C ASN A 410 19.10 11.61 -16.49
N ASN A 411 18.64 10.69 -17.35
CA ASN A 411 17.29 10.13 -17.28
C ASN A 411 17.23 8.83 -16.46
N TYR A 412 16.04 8.51 -15.92
CA TYR A 412 15.70 7.31 -15.15
C TYR A 412 14.18 7.10 -15.24
N TYR A 413 13.69 5.85 -15.01
CA TYR A 413 12.27 5.48 -15.16
C TYR A 413 11.25 6.35 -14.39
N ASP A 414 11.63 6.85 -13.20
CA ASP A 414 10.74 7.66 -12.34
C ASP A 414 10.79 9.17 -12.62
N LYS A 415 11.74 9.65 -13.46
CA LYS A 415 11.93 11.07 -13.76
C LYS A 415 10.68 11.81 -14.22
N GLU A 416 10.00 11.34 -15.29
CA GLU A 416 8.77 12.00 -15.79
C GLU A 416 7.70 12.12 -14.72
N PHE A 417 7.55 11.08 -13.84
CA PHE A 417 6.53 11.13 -12.78
C PHE A 417 6.79 12.28 -11.81
N TYR A 418 8.02 12.37 -11.30
CA TYR A 418 8.41 13.42 -10.37
C TYR A 418 8.35 14.80 -11.08
N GLU A 419 8.55 14.85 -12.43
CA GLU A 419 8.40 16.08 -13.23
C GLU A 419 6.93 16.56 -13.09
N ASN A 420 5.96 15.63 -13.23
CA ASN A 420 4.53 15.91 -13.09
C ASN A 420 4.10 16.34 -11.70
N LEU A 421 4.69 15.76 -10.62
CA LEU A 421 4.38 16.12 -9.23
C LEU A 421 4.78 17.56 -8.99
N ASP A 422 5.94 17.94 -9.52
CA ASP A 422 6.52 19.29 -9.46
C ASP A 422 5.64 20.31 -10.16
N LYS A 423 5.16 19.99 -11.40
CA LYS A 423 4.26 20.84 -12.20
C LYS A 423 3.02 21.20 -11.41
N LYS A 424 2.51 20.24 -10.60
CA LYS A 424 1.39 20.43 -9.68
C LYS A 424 2.00 20.97 -8.36
N SER A 425 1.24 21.14 -7.28
CA SER A 425 1.87 21.74 -6.08
C SER A 425 2.92 20.89 -5.28
N TYR A 426 2.99 19.58 -5.58
CA TYR A 426 3.68 18.53 -4.83
C TYR A 426 5.20 18.46 -4.66
N SER A 427 5.96 19.47 -5.10
CA SER A 427 7.41 19.50 -4.83
C SER A 427 7.64 19.78 -3.34
N THR A 428 6.67 20.46 -2.71
CA THR A 428 6.61 20.79 -1.29
C THR A 428 6.11 19.53 -0.58
N ILE A 429 6.81 19.06 0.49
CA ILE A 429 6.39 17.89 1.25
C ILE A 429 5.02 18.16 1.88
N ASP A 430 4.79 19.40 2.33
CA ASP A 430 3.54 19.87 2.92
C ASP A 430 2.37 19.64 1.97
N LYS A 431 2.51 19.94 0.65
CA LYS A 431 1.42 19.70 -0.31
C LYS A 431 1.17 18.20 -0.53
N PHE A 432 2.23 17.39 -0.53
CA PHE A 432 2.10 15.94 -0.66
C PHE A 432 1.45 15.34 0.60
N LEU A 433 1.74 15.89 1.80
CA LEU A 433 1.17 15.42 3.05
C LEU A 433 -0.35 15.67 3.13
N ASN A 434 -0.83 16.75 2.48
CA ASN A 434 -2.25 17.09 2.36
C ASN A 434 -2.97 15.99 1.59
N LEU A 435 -2.31 15.40 0.57
CA LEU A 435 -2.89 14.29 -0.20
C LEU A 435 -3.10 13.06 0.70
N LEU A 436 -2.14 12.81 1.61
CA LEU A 436 -2.24 11.70 2.56
C LEU A 436 -3.40 11.92 3.51
N ASN A 437 -3.58 13.16 3.98
CA ASN A 437 -4.72 13.59 4.82
C ASN A 437 -6.04 13.28 4.13
N ASN A 438 -6.05 13.38 2.80
CA ASN A 438 -7.25 13.23 1.98
C ASN A 438 -7.62 11.82 1.62
N GLY A 439 -6.84 10.83 2.07
CA GLY A 439 -7.11 9.43 1.75
C GLY A 439 -8.44 8.92 2.25
N LYS A 440 -8.96 7.85 1.64
CA LYS A 440 -10.25 7.26 2.06
C LYS A 440 -10.33 7.07 3.60
N HIS A 441 -9.37 6.35 4.17
CA HIS A 441 -9.33 6.04 5.59
C HIS A 441 -8.93 7.25 6.40
N CYS A 442 -7.92 8.01 5.94
CA CYS A 442 -7.43 9.18 6.69
C CYS A 442 -8.39 10.37 6.80
N HIS A 443 -9.15 10.67 5.74
CA HIS A 443 -10.06 11.81 5.73
C HIS A 443 -11.33 11.61 6.54
N ASP A 444 -11.73 10.33 6.72
CA ASP A 444 -12.92 9.90 7.45
C ASP A 444 -12.86 10.02 9.00
N ASN A 445 -12.98 11.26 9.49
CA ASN A 445 -13.06 11.64 10.91
C ASN A 445 -13.83 12.94 10.94
N LYS A 446 -15.10 12.87 11.38
CA LYS A 446 -16.02 14.02 11.44
C LYS A 446 -15.77 14.92 12.67
N ASP A 447 -15.01 14.37 13.65
CA ASP A 447 -14.62 14.99 14.92
C ASP A 447 -13.39 15.88 14.72
N GLU A 448 -13.54 17.20 15.02
CA GLU A 448 -12.49 18.22 14.87
C GLU A 448 -11.20 17.96 15.65
N LYS A 449 -11.32 17.34 16.84
CA LYS A 449 -10.17 17.05 17.70
C LYS A 449 -9.25 15.95 17.13
N ASN A 450 -9.84 14.82 16.71
CA ASN A 450 -9.12 13.65 16.18
C ASN A 450 -8.98 13.58 14.64
N LYS A 451 -8.86 14.75 13.98
CA LYS A 451 -8.68 14.78 12.54
C LYS A 451 -7.22 14.50 12.21
N ILE A 452 -6.97 13.61 11.23
CA ILE A 452 -5.63 13.27 10.79
C ILE A 452 -5.03 14.44 10.03
N ASP A 453 -3.82 14.88 10.44
CA ASP A 453 -3.09 15.96 9.77
C ASP A 453 -1.62 15.67 9.88
N PHE A 454 -1.06 15.10 8.80
CA PHE A 454 0.34 14.72 8.69
C PHE A 454 1.28 15.92 8.75
N ASN A 455 0.73 17.15 8.49
CA ASN A 455 1.47 18.40 8.60
C ASN A 455 1.53 18.87 10.07
N LYS A 456 0.85 18.18 10.98
CA LYS A 456 0.88 18.47 12.42
C LYS A 456 1.16 17.15 13.14
N PRO A 457 2.40 16.63 13.09
CA PRO A 457 2.67 15.32 13.68
C PRO A 457 2.32 15.19 15.15
N ILE A 458 2.52 16.25 15.92
CA ILE A 458 2.19 16.24 17.36
C ILE A 458 0.72 15.88 17.60
N LYS A 459 -0.22 16.40 16.77
CA LYS A 459 -1.66 16.11 16.89
C LYS A 459 -2.01 14.72 16.33
N THR A 460 -1.39 14.32 15.20
CA THR A 460 -1.68 13.03 14.60
C THR A 460 -1.09 11.86 15.33
N PHE A 461 0.08 12.03 15.94
CA PHE A 461 0.72 10.94 16.63
C PHE A 461 0.77 11.23 18.14
N SER A 462 -0.36 11.67 18.71
CA SER A 462 -0.47 11.98 20.13
C SER A 462 -1.03 10.79 20.89
N ILE A 463 -1.08 10.89 22.24
CA ILE A 463 -1.72 9.90 23.11
C ILE A 463 -3.23 9.99 22.81
N SER A 464 -3.97 8.90 23.03
CA SER A 464 -5.42 8.91 22.83
C SER A 464 -6.05 9.87 23.86
N GLU A 465 -7.18 10.52 23.51
CA GLU A 465 -7.91 11.40 24.42
C GLU A 465 -8.37 10.64 25.69
N TYR A 466 -8.64 9.33 25.55
CA TYR A 466 -9.08 8.44 26.63
C TYR A 466 -7.98 8.16 27.65
N CYS A 467 -6.73 8.52 27.31
CA CYS A 467 -5.51 8.32 28.11
C CYS A 467 -5.07 9.56 28.84
N LYS A 468 -5.72 10.73 28.59
CA LYS A 468 -5.32 11.97 29.27
C LYS A 468 -5.46 11.83 30.78
N THR A 469 -4.74 12.69 31.55
CA THR A 469 -4.82 12.71 33.01
C THR A 469 -6.27 13.09 33.37
N CYS A 470 -6.78 12.61 34.51
CA CYS A 470 -8.16 12.94 34.96
C CYS A 470 -8.45 14.43 34.86
N PRO A 471 -9.69 14.84 34.47
CA PRO A 471 -10.05 16.26 34.61
C PRO A 471 -9.84 16.68 36.07
N LEU A 472 -9.12 17.80 36.30
CA LEU A 472 -8.66 18.34 37.61
C LEU A 472 -9.50 18.13 38.87
N TYR A 473 -10.82 18.33 38.77
CA TYR A 473 -11.75 18.23 39.92
C TYR A 473 -12.58 16.93 39.93
N GLY A 474 -12.19 15.99 39.06
CA GLY A 474 -12.86 14.70 38.91
C GLY A 474 -14.06 14.74 37.98
N VAL A 475 -14.72 13.57 37.85
CA VAL A 475 -15.93 13.41 37.01
C VAL A 475 -17.09 12.80 37.80
N THR A 476 -18.33 13.19 37.45
CA THR A 476 -19.55 12.66 38.03
C THR A 476 -20.35 12.04 36.91
N CYS A 477 -20.60 10.74 37.05
CA CYS A 477 -21.36 9.98 36.09
C CYS A 477 -22.75 9.76 36.69
N THR A 478 -23.79 10.20 35.95
CA THR A 478 -25.19 10.10 36.35
C THR A 478 -25.77 8.73 35.96
N ASN A 479 -27.03 8.46 36.38
CA ASN A 479 -27.74 7.23 36.04
C ASN A 479 -28.20 7.30 34.57
N ARG A 480 -28.24 8.53 34.00
CA ARG A 480 -28.59 8.86 32.61
C ARG A 480 -27.62 8.19 31.61
N GLY A 481 -26.38 7.98 32.04
CA GLY A 481 -25.34 7.35 31.24
C GLY A 481 -24.31 8.30 30.66
N ILE A 482 -24.21 9.51 31.22
CA ILE A 482 -23.25 10.53 30.77
C ILE A 482 -22.41 11.04 31.92
N CYS A 483 -21.10 11.17 31.69
CA CYS A 483 -20.16 11.65 32.69
C CYS A 483 -19.86 13.11 32.39
N ILE A 484 -19.92 13.97 33.44
CA ILE A 484 -19.66 15.41 33.36
C ILE A 484 -18.42 15.79 34.16
N HIS A 485 -17.69 16.82 33.71
CA HIS A 485 -16.49 17.31 34.41
C HIS A 485 -16.96 18.15 35.61
N ASN A 486 -16.46 17.82 36.82
CA ASN A 486 -16.78 18.55 38.06
C ASN A 486 -16.32 20.01 37.99
N SER A 487 -16.94 20.87 38.85
CA SER A 487 -16.81 22.33 39.01
C SER A 487 -17.50 23.13 37.91
N PRO B . 19.72 12.62 3.98
CA PRO B . 19.60 12.63 5.44
C PRO B . 19.07 11.28 5.97
O PRO B . 18.32 10.61 5.21
CB PRO B . 18.61 13.78 5.73
CG PRO B . 17.87 14.00 4.43
CD PRO B . 18.84 13.63 3.34
OXT PRO B . 19.37 10.95 7.14
MG MG C . 19.75 -1.46 1.59
C1 GOL D . -11.41 -1.09 -16.75
O1 GOL D . -12.47 -1.76 -16.01
C2 GOL D . -11.51 0.40 -17.17
O2 GOL D . -11.95 1.31 -16.11
C3 GOL D . -10.18 0.78 -17.97
O3 GOL D . -9.19 1.75 -17.48
C1 GOL E . 10.24 7.99 21.84
O1 GOL E . 11.01 6.95 21.18
C2 GOL E . 9.29 7.41 22.94
O2 GOL E . 9.81 6.25 23.63
C3 GOL E . 8.64 8.45 23.89
O3 GOL E . 9.26 8.48 25.20
C1 GOL F . 9.45 -12.52 3.95
O1 GOL F . 9.81 -12.18 2.61
C2 GOL F . 10.41 -11.82 4.90
O2 GOL F . 11.73 -11.80 4.34
C3 GOL F . 9.93 -10.39 5.17
O3 GOL F . 10.34 -10.02 6.48
C1 GOL G . 6.28 -1.24 -26.18
O1 GOL G . 5.46 -2.37 -26.37
C2 GOL G . 5.44 -0.09 -25.62
O2 GOL G . 6.21 0.62 -24.64
C3 GOL G . 4.98 0.78 -26.81
O3 GOL G . 6.10 1.55 -27.30
#